data_3OV6
#
_entry.id   3OV6
#
_cell.length_a   53.724
_cell.length_b   87.087
_cell.length_c   88.808
_cell.angle_alpha   90.00
_cell.angle_beta   90.00
_cell.angle_gamma   90.00
#
_symmetry.space_group_name_H-M   'P 21 21 21'
#
loop_
_entity.id
_entity.type
_entity.pdbx_description
1 polymer 'Beta-2-microglobulin, T-cell surface glycoprotein CD1c,  T-cell surface glycoprotein CD1b'
2 non-polymer 2-acetamido-2-deoxy-beta-D-glucopyranose
3 non-polymer DODECANE
4 non-polymer 1-O-[(S)-hydroxy{[(4S,8S,16S,20S)-4,8,12,16,20-pentamethylheptacosyl]oxy}phosphoryl]-beta-D-mannopyranose
5 water water
#
_entity_poly.entity_id   1
_entity_poly.type   'polypeptide(L)'
_entity_poly.pdbx_seq_one_letter_code
;ADPIQRTPKIQVYSRHPAENGKSNFLNCYVSGFHPSDIEVDLLKNGERIEKVEHSDLSFSKDWSFYLLYYTEFTPTEKDE
YACRVNHVTLSQPKIVKWDRDMGGGGSGGSGSGGGSSADASQEHVSFHVIQIFSFVNQSWARGQGSGWLDELQTHGWDSE
SGTIIFLHQWSKGQFSNEELSDLELLFRFYLFGLTREIQDHASQDYSKYPFEVQVKAGCELHSGGSPEGFFQVAFNGLDL
LSFQQTTWVPSPGCGSLAQSVCHLLNHQYEGVTETVYNLIRSTCPRFLLGLLDAGKMYVHRQVKPEAWLSSGPSPGPGRL
QLVCHVSGFYPKPVWVMWMRGEQEQQGTQLGDILPNAQGTWYLRATLDVADGEAAGLSCRVKHSSLEGQDIILYWHH
;
_entity_poly.pdbx_strand_id   A
#
loop_
_chem_comp.id
_chem_comp.type
_chem_comp.name
_chem_comp.formula
D12 non-polymer DODECANE 'C12 H26'
MK0 non-polymer 1-O-[(S)-hydroxy{[(4S,8S,16S,20S)-4,8,12,16,20-pentamethylheptacosyl]oxy}phosphoryl]-beta-D-mannopyranose 'C38 H77 O9 P'
NAG D-saccharide, beta linking 2-acetamido-2-deoxy-beta-D-glucopyranose 'C8 H15 N O6'
#
# COMPACT_ATOMS: atom_id res chain seq x y z
N PRO A 3 12.84 15.68 8.90
CA PRO A 3 11.82 15.97 9.92
C PRO A 3 10.42 15.97 9.33
N ILE A 4 9.45 15.34 9.99
CA ILE A 4 9.66 14.62 11.24
C ILE A 4 9.77 13.11 10.93
N GLN A 5 10.01 12.28 11.94
CA GLN A 5 10.38 10.88 11.69
C GLN A 5 9.44 9.77 12.15
N ARG A 6 9.17 8.86 11.21
CA ARG A 6 8.48 7.61 11.53
C ARG A 6 9.27 6.39 11.10
N THR A 7 9.17 5.39 11.96
CA THR A 7 9.95 4.15 11.89
C THR A 7 9.22 3.07 11.08
N PRO A 8 9.93 2.46 10.14
CA PRO A 8 9.23 1.45 9.32
C PRO A 8 8.67 0.28 10.12
N LYS A 9 7.49 -0.15 9.72
CA LYS A 9 6.98 -1.43 10.16
C LYS A 9 7.25 -2.42 9.04
N ILE A 10 7.69 -3.63 9.42
CA ILE A 10 8.03 -4.64 8.41
C ILE A 10 7.28 -5.95 8.60
N GLN A 11 6.56 -6.34 7.56
CA GLN A 11 5.85 -7.62 7.59
C GLN A 11 6.26 -8.53 6.44
N VAL A 12 6.64 -9.76 6.80
CA VAL A 12 7.06 -10.78 5.84
C VAL A 12 6.12 -11.97 5.81
N TYR A 13 5.67 -12.35 4.63
CA TYR A 13 4.72 -13.45 4.55
C TYR A 13 4.75 -14.12 3.17
N SER A 14 4.57 -15.44 3.18
CA SER A 14 4.50 -16.21 1.96
C SER A 14 3.06 -16.23 1.46
N ARG A 15 2.92 -16.50 0.17
CA ARG A 15 1.61 -16.57 -0.48
C ARG A 15 0.95 -17.97 -0.43
N HIS A 16 1.76 -19.01 -0.21
CA HIS A 16 1.28 -20.39 -0.08
C HIS A 16 1.84 -21.04 1.19
N PRO A 17 1.26 -22.16 1.63
CA PRO A 17 1.87 -22.92 2.70
C PRO A 17 3.35 -23.14 2.42
N ALA A 18 4.18 -23.27 3.45
CA ALA A 18 5.58 -23.58 3.19
C ALA A 18 5.86 -25.09 3.10
N GLU A 19 6.27 -25.54 1.92
CA GLU A 19 6.60 -26.93 1.73
C GLU A 19 7.95 -27.04 1.01
N ASN A 20 8.96 -27.52 1.71
CA ASN A 20 10.35 -27.56 1.20
C ASN A 20 10.49 -28.08 -0.22
N GLY A 21 11.14 -27.30 -1.07
CA GLY A 21 11.35 -27.70 -2.45
C GLY A 21 10.26 -27.22 -3.39
N LYS A 22 9.13 -26.88 -2.84
CA LYS A 22 8.02 -26.42 -3.62
C LYS A 22 8.05 -24.88 -3.74
N SER A 23 7.70 -24.37 -4.91
CA SER A 23 7.86 -22.97 -5.28
C SER A 23 6.78 -22.05 -4.69
N ASN A 24 7.20 -20.85 -4.30
CA ASN A 24 6.38 -19.96 -3.51
C ASN A 24 6.74 -18.47 -3.72
N PHE A 25 5.96 -17.57 -3.12
CA PHE A 25 6.19 -16.14 -3.23
C PHE A 25 6.46 -15.49 -1.87
N LEU A 26 7.58 -14.76 -1.78
CA LEU A 26 7.92 -14.09 -0.52
C LEU A 26 7.47 -12.64 -0.60
N ASN A 27 6.56 -12.24 0.28
CA ASN A 27 6.14 -10.86 0.28
C ASN A 27 6.78 -10.15 1.46
N CYS A 28 7.13 -8.90 1.25
CA CYS A 28 7.58 -8.05 2.33
C CYS A 28 6.85 -6.73 2.19
N TYR A 29 6.15 -6.34 3.25
CA TYR A 29 5.40 -5.10 3.26
C TYR A 29 6.02 -4.13 4.24
N VAL A 30 6.37 -2.95 3.75
CA VAL A 30 7.11 -2.00 4.54
C VAL A 30 6.28 -0.73 4.62
N SER A 31 5.80 -0.37 5.81
CA SER A 31 4.88 0.74 5.93
C SER A 31 5.07 1.50 7.23
N GLY A 32 4.34 2.60 7.39
CA GLY A 32 4.49 3.45 8.56
C GLY A 32 5.74 4.30 8.65
N PHE A 33 6.48 4.50 7.57
CA PHE A 33 7.72 5.27 7.68
C PHE A 33 7.78 6.70 7.06
N HIS A 34 8.65 7.54 7.66
CA HIS A 34 8.94 8.90 7.21
C HIS A 34 10.37 9.26 7.69
N PRO A 35 11.21 9.87 6.83
CA PRO A 35 10.97 10.35 5.45
C PRO A 35 10.92 9.20 4.41
N SER A 36 10.82 9.57 3.15
CA SER A 36 10.59 8.59 2.08
C SER A 36 11.86 7.82 1.71
N ASP A 37 13.01 8.37 2.08
CA ASP A 37 14.30 7.76 1.79
C ASP A 37 14.51 6.46 2.57
N ILE A 38 14.67 5.37 1.85
CA ILE A 38 14.67 4.04 2.46
C ILE A 38 15.46 3.05 1.59
N GLU A 39 15.88 1.93 2.20
CA GLU A 39 16.53 0.82 1.51
C GLU A 39 15.88 -0.51 1.93
N VAL A 40 15.21 -1.18 0.99
CA VAL A 40 14.60 -2.48 1.25
C VAL A 40 15.24 -3.54 0.34
N ASP A 41 15.74 -4.63 0.93
CA ASP A 41 16.22 -5.72 0.09
C ASP A 41 15.57 -7.02 0.56
N LEU A 42 15.32 -7.91 -0.38
CA LEU A 42 14.95 -9.26 -0.04
C LEU A 42 16.27 -10.02 -0.07
N LEU A 43 16.49 -10.86 0.94
CA LEU A 43 17.74 -11.59 1.07
C LEU A 43 17.53 -13.07 0.97
N LYS A 44 18.43 -13.72 0.25
CA LYS A 44 18.64 -15.16 0.32
C LYS A 44 20.04 -15.56 0.78
N ASN A 45 20.11 -16.16 1.96
CA ASN A 45 21.37 -16.54 2.60
C ASN A 45 22.31 -15.35 2.77
N GLY A 46 21.77 -14.19 3.15
CA GLY A 46 22.59 -13.02 3.39
C GLY A 46 22.84 -12.19 2.14
N GLU A 47 22.52 -12.76 0.97
CA GLU A 47 22.64 -12.03 -0.30
C GLU A 47 21.34 -11.45 -0.78
N ARG A 48 21.49 -10.31 -1.42
CA ARG A 48 20.44 -9.54 -2.03
C ARG A 48 19.96 -10.18 -3.33
N ILE A 49 18.65 -10.44 -3.38
CA ILE A 49 18.01 -11.05 -4.52
C ILE A 49 17.75 -9.96 -5.55
N GLU A 50 18.41 -10.05 -6.70
CA GLU A 50 18.33 -8.99 -7.68
C GLU A 50 17.08 -8.97 -8.54
N LYS A 51 16.37 -10.09 -8.66
CA LYS A 51 15.04 -10.02 -9.29
C LYS A 51 13.90 -10.05 -8.31
N VAL A 52 13.49 -8.84 -7.92
CA VAL A 52 12.34 -8.62 -7.08
C VAL A 52 11.35 -7.65 -7.76
N GLU A 53 10.10 -7.74 -7.35
CA GLU A 53 9.13 -6.74 -7.74
C GLU A 53 8.84 -5.87 -6.53
N HIS A 54 8.68 -4.57 -6.78
CA HIS A 54 8.20 -3.66 -5.78
C HIS A 54 7.19 -2.68 -6.43
N SER A 55 6.17 -2.31 -5.66
CA SER A 55 5.24 -1.26 -6.05
C SER A 55 6.01 0.06 -5.97
N ASP A 56 5.49 1.10 -6.58
CA ASP A 56 6.06 2.42 -6.32
C ASP A 56 5.72 2.90 -4.90
N LEU A 57 6.39 3.97 -4.46
CA LEU A 57 6.15 4.55 -3.16
C LEU A 57 4.73 5.08 -3.06
N SER A 58 4.00 4.67 -2.02
CA SER A 58 2.67 5.20 -1.78
C SER A 58 2.61 5.59 -0.33
N PHE A 59 1.52 6.19 0.08
CA PHE A 59 1.36 6.54 1.47
C PHE A 59 -0.05 6.30 2.02
N SER A 60 -0.16 6.31 3.34
CA SER A 60 -1.43 6.20 4.04
C SER A 60 -1.97 7.57 4.38
N LYS A 61 -3.20 7.62 4.91
CA LYS A 61 -3.83 8.88 5.31
C LYS A 61 -3.03 9.64 6.35
N ASP A 62 -2.41 8.88 7.23
CA ASP A 62 -1.34 9.35 8.11
C ASP A 62 -0.35 10.21 7.34
N TRP A 63 -0.18 9.87 6.07
CA TRP A 63 0.85 10.42 5.20
C TRP A 63 2.15 9.61 5.29
N SER A 64 2.16 8.56 6.08
CA SER A 64 3.33 7.68 6.07
C SER A 64 3.35 6.72 4.88
N PHE A 65 4.57 6.39 4.48
CA PHE A 65 4.82 5.65 3.26
C PHE A 65 4.73 4.13 3.45
N TYR A 66 4.39 3.45 2.36
CA TYR A 66 4.41 2.02 2.35
C TYR A 66 4.89 1.49 1.01
N LEU A 67 5.48 0.31 1.06
CA LEU A 67 6.02 -0.36 -0.11
C LEU A 67 5.67 -1.83 -0.01
N LEU A 68 5.30 -2.42 -1.15
CA LEU A 68 5.16 -3.88 -1.23
C LEU A 68 6.36 -4.43 -1.99
N TYR A 69 6.95 -5.52 -1.49
CA TYR A 69 8.04 -6.20 -2.18
C TYR A 69 7.72 -7.67 -2.35
N TYR A 70 8.10 -8.24 -3.47
CA TYR A 70 8.02 -9.68 -3.57
C TYR A 70 8.90 -10.31 -4.61
N THR A 71 8.99 -11.62 -4.48
CA THR A 71 9.90 -12.43 -5.26
C THR A 71 9.51 -13.88 -5.17
N GLU A 72 9.86 -14.64 -6.21
CA GLU A 72 9.76 -16.09 -6.15
C GLU A 72 10.76 -16.60 -5.14
N PHE A 73 10.37 -17.63 -4.40
CA PHE A 73 11.32 -18.32 -3.53
C PHE A 73 10.88 -19.75 -3.24
N THR A 74 11.84 -20.56 -2.83
CA THR A 74 11.58 -21.93 -2.47
C THR A 74 12.06 -22.18 -1.04
N PRO A 75 11.11 -22.46 -0.14
CA PRO A 75 11.45 -22.80 1.25
C PRO A 75 12.38 -24.00 1.29
N THR A 76 13.46 -23.96 2.07
CA THR A 76 14.26 -25.18 2.29
C THR A 76 14.72 -25.33 3.74
N GLU A 77 14.98 -26.56 4.16
CA GLU A 77 15.59 -26.81 5.46
C GLU A 77 16.82 -25.94 5.66
N LYS A 78 17.50 -25.72 4.54
CA LYS A 78 18.86 -25.19 4.53
C LYS A 78 18.89 -23.68 4.36
N ASP A 79 18.13 -23.18 3.39
CA ASP A 79 18.21 -21.79 3.00
C ASP A 79 17.44 -20.86 3.90
N GLU A 80 17.83 -19.61 3.79
CA GLU A 80 17.40 -18.58 4.69
C GLU A 80 17.04 -17.28 3.97
N TYR A 81 15.84 -16.79 4.25
CA TYR A 81 15.29 -15.63 3.59
C TYR A 81 14.97 -14.50 4.54
N ALA A 82 15.08 -13.28 4.04
CA ALA A 82 14.84 -12.10 4.87
C ALA A 82 14.43 -10.87 4.08
N CYS A 83 14.03 -9.86 4.84
CA CYS A 83 13.73 -8.56 4.36
C CYS A 83 14.63 -7.64 5.16
N ARG A 84 15.50 -6.92 4.47
CA ARG A 84 16.43 -6.03 5.16
C ARG A 84 16.09 -4.61 4.81
N VAL A 85 15.87 -3.80 5.83
CA VAL A 85 15.43 -2.43 5.68
C VAL A 85 16.41 -1.45 6.32
N ASN A 86 16.82 -0.41 5.59
CA ASN A 86 17.58 0.68 6.19
C ASN A 86 16.83 1.98 6.08
N HIS A 87 16.90 2.76 7.13
CA HIS A 87 16.18 3.99 7.21
C HIS A 87 16.88 4.90 8.19
N VAL A 88 16.64 6.20 8.05
CA VAL A 88 17.24 7.16 8.96
C VAL A 88 16.80 6.95 10.44
N THR A 89 15.64 6.32 10.65
CA THR A 89 15.18 6.00 12.02
C THR A 89 15.78 4.68 12.57
N LEU A 90 16.55 3.98 11.74
CA LEU A 90 17.12 2.70 12.19
C LEU A 90 18.63 2.87 12.50
N SER A 91 19.02 2.48 13.71
CA SER A 91 20.44 2.47 14.08
C SER A 91 21.20 1.49 13.19
N GLN A 92 20.61 0.31 13.00
CA GLN A 92 21.16 -0.67 12.09
C GLN A 92 20.07 -1.25 11.23
N PRO A 93 20.42 -1.57 9.99
CA PRO A 93 19.46 -2.21 9.09
C PRO A 93 18.76 -3.31 9.86
N LYS A 94 17.43 -3.28 9.94
CA LYS A 94 16.68 -4.40 10.49
C LYS A 94 16.66 -5.49 9.44
N ILE A 95 16.97 -6.72 9.87
CA ILE A 95 16.81 -7.89 9.06
C ILE A 95 15.74 -8.71 9.73
N VAL A 96 14.60 -8.93 9.07
CA VAL A 96 13.60 -9.82 9.63
C VAL A 96 13.45 -11.11 8.79
N LYS A 97 13.83 -12.25 9.38
CA LYS A 97 13.72 -13.48 8.65
C LYS A 97 12.30 -13.90 8.47
N TRP A 98 12.12 -14.57 7.35
CA TRP A 98 10.96 -15.40 7.12
C TRP A 98 11.23 -16.79 7.74
N ASP A 99 10.28 -17.24 8.55
CA ASP A 99 10.45 -18.48 9.28
C ASP A 99 9.10 -19.23 9.19
N ARG A 100 9.06 -20.35 8.47
CA ARG A 100 7.86 -21.18 8.45
C ARG A 100 7.19 -21.24 9.83
N ASP A 101 8.02 -21.57 10.83
CA ASP A 101 7.59 -21.95 12.19
C ASP A 101 7.04 -20.76 12.97
N MET A 102 7.39 -19.56 12.50
CA MET A 102 6.89 -18.33 13.06
C MET A 102 5.97 -17.52 12.19
N GLY A 103 5.49 -18.11 11.10
CA GLY A 103 4.73 -17.37 10.11
C GLY A 103 5.50 -16.30 9.34
N GLY A 104 6.82 -16.27 9.53
CA GLY A 104 7.66 -15.34 8.80
C GLY A 104 7.59 -13.93 9.30
N GLY A 105 7.33 -13.81 10.59
CA GLY A 105 7.07 -12.55 11.27
C GLY A 105 7.34 -11.18 10.61
N GLY A 106 7.92 -10.31 11.43
CA GLY A 106 8.16 -8.92 11.11
C GLY A 106 8.58 -8.17 12.36
N GLU A 123 -20.22 0.62 -0.42
CA GLU A 123 -18.88 1.11 -0.14
C GLU A 123 -18.52 2.18 -1.16
N HIS A 124 -17.27 2.16 -1.57
CA HIS A 124 -16.81 2.98 -2.67
C HIS A 124 -15.60 2.35 -3.34
N VAL A 125 -15.31 2.75 -4.56
CA VAL A 125 -14.03 2.49 -5.19
C VAL A 125 -13.29 3.82 -5.19
N SER A 126 -11.97 3.79 -5.30
CA SER A 126 -11.24 5.03 -5.45
C SER A 126 -10.17 4.95 -6.51
N PHE A 127 -9.90 6.09 -7.15
CA PHE A 127 -8.72 6.24 -7.97
C PHE A 127 -7.99 7.49 -7.53
N HIS A 128 -6.70 7.35 -7.24
CA HIS A 128 -5.91 8.53 -6.94
C HIS A 128 -4.55 8.51 -7.56
N VAL A 129 -4.02 9.70 -7.79
CA VAL A 129 -2.70 9.93 -8.31
C VAL A 129 -1.86 10.41 -7.14
N ILE A 130 -0.68 9.82 -7.02
CA ILE A 130 0.19 10.06 -5.89
C ILE A 130 1.44 10.77 -6.38
N GLN A 131 1.84 11.82 -5.67
CA GLN A 131 3.10 12.48 -5.93
C GLN A 131 3.95 12.58 -4.67
N ILE A 132 5.24 12.28 -4.79
CA ILE A 132 6.19 12.51 -3.73
C ILE A 132 7.33 13.34 -4.30
N PHE A 133 7.59 14.48 -3.66
CA PHE A 133 8.67 15.35 -4.07
C PHE A 133 9.64 15.45 -2.90
N SER A 134 10.92 15.23 -3.17
CA SER A 134 11.97 15.28 -2.16
C SER A 134 13.05 16.32 -2.52
N PHE A 135 12.96 17.48 -1.87
CA PHE A 135 13.86 18.61 -2.07
C PHE A 135 14.99 18.68 -1.04
N VAL A 136 16.17 18.20 -1.41
CA VAL A 136 17.32 18.27 -0.51
C VAL A 136 17.84 19.73 -0.47
N ASN A 137 17.69 20.40 -1.61
CA ASN A 137 17.87 21.85 -1.77
C ASN A 137 17.20 22.41 -3.00
N GLN A 138 17.57 23.62 -3.38
CA GLN A 138 17.00 24.32 -4.52
C GLN A 138 17.19 23.59 -5.85
N SER A 139 18.43 23.18 -6.13
CA SER A 139 18.71 22.53 -7.40
C SER A 139 18.78 21.00 -7.32
N TRP A 140 18.41 20.42 -6.19
CA TRP A 140 18.39 18.96 -6.09
C TRP A 140 17.06 18.44 -5.56
N ALA A 141 16.37 17.66 -6.37
CA ALA A 141 15.07 17.17 -5.94
C ALA A 141 14.63 15.93 -6.69
N ARG A 142 14.28 14.89 -5.93
CA ARG A 142 13.63 13.71 -6.49
C ARG A 142 12.15 14.00 -6.70
N GLY A 143 11.55 13.25 -7.60
CA GLY A 143 10.12 13.36 -7.85
C GLY A 143 9.66 11.98 -8.30
N GLN A 144 8.53 11.54 -7.76
CA GLN A 144 7.89 10.31 -8.25
C GLN A 144 6.36 10.33 -8.11
N GLY A 145 5.68 9.66 -9.03
CA GLY A 145 4.23 9.65 -9.05
C GLY A 145 3.69 8.35 -9.62
N SER A 146 2.47 8.00 -9.21
CA SER A 146 1.81 6.74 -9.62
C SER A 146 0.27 6.80 -9.56
N GLY A 147 -0.40 5.79 -10.12
CA GLY A 147 -1.84 5.74 -10.14
C GLY A 147 -2.37 4.51 -9.43
N TRP A 148 -3.37 4.69 -8.59
CA TRP A 148 -3.86 3.63 -7.75
C TRP A 148 -5.38 3.46 -7.84
N LEU A 149 -5.81 2.23 -8.08
CA LEU A 149 -7.20 1.90 -8.06
C LEU A 149 -7.47 1.13 -6.80
N ASP A 150 -7.93 1.83 -5.78
CA ASP A 150 -7.98 1.31 -4.42
C ASP A 150 -6.50 0.99 -4.24
N GLU A 151 -6.21 -0.03 -3.43
CA GLU A 151 -4.81 -0.38 -3.17
C GLU A 151 -3.95 -1.07 -4.23
N LEU A 152 -4.53 -1.29 -5.39
CA LEU A 152 -3.85 -1.79 -6.58
C LEU A 152 -3.25 -0.68 -7.46
N GLN A 153 -1.92 -0.69 -7.59
CA GLN A 153 -1.24 0.20 -8.51
C GLN A 153 -1.53 -0.18 -9.94
N THR A 154 -1.95 0.82 -10.72
CA THR A 154 -2.34 0.65 -12.09
C THR A 154 -1.50 1.54 -12.99
N HIS A 155 -0.85 2.54 -12.41
CA HIS A 155 0.02 3.36 -13.24
C HIS A 155 1.30 3.73 -12.59
N GLY A 156 2.24 4.10 -13.44
CA GLY A 156 3.54 4.56 -13.00
C GLY A 156 3.80 5.78 -13.83
N TRP A 157 4.82 6.54 -13.45
CA TRP A 157 5.15 7.73 -14.23
C TRP A 157 6.61 7.67 -14.63
N ASP A 158 6.88 7.82 -15.92
CA ASP A 158 8.25 7.89 -16.34
C ASP A 158 8.77 9.31 -16.16
N SER A 159 9.55 9.51 -15.10
CA SER A 159 10.03 10.83 -14.72
C SER A 159 10.82 11.55 -15.83
N GLU A 160 11.69 10.82 -16.51
CA GLU A 160 12.67 11.41 -17.43
C GLU A 160 12.07 11.86 -18.76
N SER A 161 10.95 11.26 -19.12
CA SER A 161 10.33 11.53 -20.41
C SER A 161 8.97 12.21 -20.25
N GLY A 162 8.45 12.22 -19.03
CA GLY A 162 7.15 12.81 -18.77
C GLY A 162 5.99 12.01 -19.34
N THR A 163 6.13 10.68 -19.34
CA THR A 163 5.09 9.77 -19.83
C THR A 163 4.55 8.83 -18.75
N ILE A 164 3.34 8.33 -19.01
CA ILE A 164 2.65 7.40 -18.11
C ILE A 164 3.03 5.95 -18.40
N ILE A 165 3.28 5.20 -17.34
CA ILE A 165 3.51 3.79 -17.49
C ILE A 165 2.22 3.06 -17.19
N PHE A 166 1.68 2.35 -18.18
CA PHE A 166 0.48 1.57 -17.98
C PHE A 166 0.85 0.16 -17.51
N LEU A 167 0.56 -0.16 -16.25
CA LEU A 167 1.03 -1.44 -15.69
C LEU A 167 0.29 -2.66 -16.26
N HIS A 168 -1.03 -2.58 -16.41
CA HIS A 168 -1.81 -3.74 -16.86
C HIS A 168 -2.44 -3.51 -18.25
N GLN A 169 -2.77 -4.58 -18.94
CA GLN A 169 -3.34 -4.49 -20.29
C GLN A 169 -4.57 -3.59 -20.32
N TRP A 170 -5.20 -3.45 -19.16
CA TRP A 170 -6.45 -2.72 -18.96
C TRP A 170 -6.29 -1.32 -18.34
N SER A 171 -5.03 -0.92 -18.10
CA SER A 171 -4.67 0.32 -17.45
C SER A 171 -5.01 1.60 -18.24
N LYS A 172 -5.26 1.49 -19.54
CA LYS A 172 -5.74 2.64 -20.29
C LYS A 172 -7.21 2.87 -19.96
N GLY A 173 -7.87 1.78 -19.56
CA GLY A 173 -9.19 1.83 -18.96
C GLY A 173 -10.22 2.59 -19.76
N GLN A 174 -10.44 2.12 -20.99
CA GLN A 174 -11.47 2.71 -21.87
C GLN A 174 -11.32 4.21 -22.22
N PHE A 175 -10.12 4.76 -22.03
CA PHE A 175 -9.77 6.08 -22.60
C PHE A 175 -8.99 5.86 -23.90
N SER A 176 -9.09 6.82 -24.83
CA SER A 176 -8.33 6.74 -26.08
C SER A 176 -6.92 7.27 -25.90
N ASN A 177 -6.03 6.95 -26.84
CA ASN A 177 -4.66 7.42 -26.77
C ASN A 177 -4.60 8.95 -26.81
N GLU A 178 -5.51 9.57 -27.55
CA GLU A 178 -5.53 11.02 -27.73
C GLU A 178 -5.85 11.77 -26.43
N GLU A 179 -6.78 11.22 -25.65
CA GLU A 179 -7.11 11.78 -24.33
C GLU A 179 -5.98 11.57 -23.32
N LEU A 180 -5.33 10.42 -23.40
CA LEU A 180 -4.27 10.09 -22.44
C LEU A 180 -3.01 10.90 -22.71
N SER A 181 -2.81 11.28 -23.97
CA SER A 181 -1.76 12.19 -24.36
C SER A 181 -1.93 13.56 -23.73
N ASP A 182 -3.17 14.00 -23.70
CA ASP A 182 -3.51 15.33 -23.20
C ASP A 182 -3.28 15.42 -21.70
N LEU A 183 -3.66 14.34 -21.01
CA LEU A 183 -3.34 14.22 -19.59
C LEU A 183 -1.82 14.30 -19.37
N GLU A 184 -1.04 13.56 -20.17
CA GLU A 184 0.42 13.54 -20.02
C GLU A 184 1.00 14.95 -20.12
N LEU A 185 0.58 15.63 -21.19
CA LEU A 185 0.97 17.01 -21.43
C LEU A 185 0.55 17.88 -20.26
N LEU A 186 -0.72 17.78 -19.89
CA LEU A 186 -1.25 18.50 -18.73
C LEU A 186 -0.34 18.36 -17.50
N PHE A 187 -0.06 17.10 -17.14
CA PHE A 187 0.80 16.76 -16.01
C PHE A 187 2.18 17.41 -16.12
N ARG A 188 2.81 17.25 -17.29
CA ARG A 188 4.08 17.90 -17.57
C ARG A 188 4.11 19.39 -17.24
N PHE A 189 3.16 20.16 -17.77
CA PHE A 189 3.04 21.58 -17.41
C PHE A 189 2.94 21.76 -15.92
N TYR A 190 2.01 21.04 -15.33
CA TYR A 190 1.71 21.14 -13.91
C TYR A 190 2.94 20.93 -13.04
N LEU A 191 3.76 19.96 -13.45
CA LEU A 191 4.96 19.60 -12.72
C LEU A 191 5.97 20.73 -12.82
N PHE A 192 6.21 21.18 -14.06
CA PHE A 192 6.96 22.40 -14.30
C PHE A 192 6.47 23.48 -13.33
N GLY A 193 5.16 23.58 -13.18
CA GLY A 193 4.57 24.57 -12.31
C GLY A 193 5.01 24.44 -10.86
N LEU A 194 4.69 23.29 -10.27
CA LEU A 194 5.05 23.03 -8.88
C LEU A 194 6.51 23.34 -8.59
N THR A 195 7.40 22.73 -9.37
CA THR A 195 8.85 22.89 -9.23
C THR A 195 9.40 24.33 -9.25
N ARG A 196 9.07 25.08 -10.29
CA ARG A 196 9.40 26.51 -10.36
C ARG A 196 8.87 27.26 -9.15
N GLU A 197 7.63 26.96 -8.80
CA GLU A 197 6.95 27.62 -7.71
C GLU A 197 7.61 27.27 -6.38
N ILE A 198 8.03 26.02 -6.27
CA ILE A 198 8.57 25.51 -5.02
C ILE A 198 10.07 25.80 -4.89
N GLN A 199 10.73 26.03 -6.02
CA GLN A 199 12.15 26.43 -6.01
C GLN A 199 12.29 27.85 -5.53
N ASP A 200 11.37 28.71 -5.97
CA ASP A 200 11.18 30.00 -5.32
C ASP A 200 10.44 29.66 -4.05
N HIS A 201 10.18 30.64 -3.19
CA HIS A 201 10.06 30.32 -1.79
C HIS A 201 11.43 29.75 -1.42
N ALA A 202 12.40 30.66 -1.39
CA ALA A 202 13.81 30.32 -1.30
C ALA A 202 14.57 31.27 -0.37
N SER A 203 15.51 30.70 0.38
CA SER A 203 16.31 31.48 1.32
C SER A 203 17.65 30.79 1.62
N SER A 207 21.77 25.96 8.46
CA SER A 207 20.59 26.05 9.31
C SER A 207 19.45 25.20 8.72
N LYS A 208 19.72 24.56 7.58
CA LYS A 208 18.69 23.90 6.79
C LYS A 208 19.26 22.54 6.29
N TYR A 209 18.77 21.95 5.19
CA TYR A 209 17.79 22.53 4.26
C TYR A 209 16.76 21.62 3.55
N PRO A 210 16.44 20.42 4.10
CA PRO A 210 15.62 19.48 3.33
C PRO A 210 14.12 19.41 3.71
N PHE A 211 13.23 19.18 2.73
CA PHE A 211 11.81 18.99 3.03
C PHE A 211 11.11 18.04 2.05
N GLU A 212 9.97 17.49 2.47
CA GLU A 212 9.19 16.62 1.60
C GLU A 212 7.75 17.10 1.35
N VAL A 213 7.27 16.86 0.14
CA VAL A 213 5.92 17.22 -0.21
C VAL A 213 5.22 16.02 -0.83
N GLN A 214 3.97 15.83 -0.42
CA GLN A 214 3.16 14.71 -0.85
C GLN A 214 1.81 15.24 -1.31
N VAL A 215 1.41 14.83 -2.51
CA VAL A 215 0.13 15.20 -3.06
C VAL A 215 -0.64 13.93 -3.29
N LYS A 216 -1.90 13.94 -2.89
CA LYS A 216 -2.85 12.87 -3.15
C LYS A 216 -4.03 13.55 -3.83
N ALA A 217 -4.22 13.28 -5.12
CA ALA A 217 -5.29 13.87 -5.90
C ALA A 217 -6.16 12.78 -6.57
N GLY A 218 -7.48 12.93 -6.52
CA GLY A 218 -8.35 12.05 -7.27
C GLY A 218 -9.78 12.04 -6.81
N CYS A 219 -10.37 10.86 -6.78
CA CYS A 219 -11.80 10.74 -6.54
C CYS A 219 -12.19 9.42 -5.89
N GLU A 220 -13.15 9.47 -4.97
CA GLU A 220 -13.90 8.28 -4.58
C GLU A 220 -15.20 8.21 -5.37
N LEU A 221 -15.70 7.00 -5.57
CA LEU A 221 -17.03 6.86 -6.15
C LEU A 221 -17.86 6.02 -5.22
N HIS A 222 -18.92 6.61 -4.68
CA HIS A 222 -19.73 5.85 -3.74
C HIS A 222 -20.94 5.19 -4.42
N SER A 223 -21.46 4.17 -3.76
CA SER A 223 -22.61 3.40 -4.24
C SER A 223 -23.74 4.36 -4.38
N GLY A 224 -24.38 4.37 -5.54
CA GLY A 224 -25.37 5.40 -5.85
C GLY A 224 -24.85 6.43 -6.84
N GLY A 225 -23.54 6.42 -7.05
CA GLY A 225 -22.95 7.15 -8.15
C GLY A 225 -22.43 8.50 -7.77
N SER A 226 -22.55 8.85 -6.50
CA SER A 226 -22.01 10.13 -6.08
C SER A 226 -20.50 10.06 -5.93
N PRO A 227 -19.79 10.94 -6.67
CA PRO A 227 -18.33 11.04 -6.64
C PRO A 227 -17.89 12.04 -5.58
N GLU A 228 -16.63 12.00 -5.20
CA GLU A 228 -16.11 12.86 -4.16
C GLU A 228 -14.64 13.05 -4.51
N GLY A 229 -14.32 14.20 -5.06
CA GLY A 229 -12.97 14.54 -5.38
C GLY A 229 -12.14 14.85 -4.15
N PHE A 230 -10.83 14.79 -4.32
CA PHE A 230 -9.96 15.30 -3.28
C PHE A 230 -8.66 15.62 -3.94
N PHE A 231 -8.00 16.62 -3.38
CA PHE A 231 -6.68 17.00 -3.81
C PHE A 231 -6.02 17.58 -2.58
N GLN A 232 -5.21 16.76 -1.92
CA GLN A 232 -4.67 17.15 -0.63
C GLN A 232 -3.16 17.01 -0.56
N VAL A 233 -2.56 17.90 0.21
CA VAL A 233 -1.12 18.03 0.28
C VAL A 233 -0.68 17.87 1.72
N ALA A 234 0.52 17.35 1.87
CA ALA A 234 1.13 17.20 3.18
C ALA A 234 2.50 17.83 3.05
N PHE A 235 2.96 18.45 4.11
CA PHE A 235 4.31 19.02 4.11
C PHE A 235 5.15 18.40 5.22
N ASN A 236 6.26 17.79 4.83
CA ASN A 236 7.10 17.14 5.81
C ASN A 236 6.24 16.15 6.58
N GLY A 237 5.31 15.50 5.90
CA GLY A 237 4.48 14.48 6.52
C GLY A 237 3.28 15.00 7.31
N LEU A 238 3.08 16.30 7.27
CA LEU A 238 2.00 16.99 7.99
C LEU A 238 0.97 17.48 6.99
N ASP A 239 -0.32 17.31 7.33
CA ASP A 239 -1.40 17.98 6.61
C ASP A 239 -1.03 19.43 6.36
N LEU A 240 -1.04 19.84 5.10
CA LEU A 240 -0.80 21.23 4.72
C LEU A 240 -2.11 21.88 4.26
N LEU A 241 -2.77 21.27 3.29
CA LEU A 241 -3.96 21.88 2.73
C LEU A 241 -4.76 20.84 1.97
N SER A 242 -6.03 21.14 1.71
CA SER A 242 -6.90 20.28 0.92
C SER A 242 -7.93 21.06 0.06
N PHE A 243 -8.39 20.43 -1.02
CA PHE A 243 -9.47 20.98 -1.84
C PHE A 243 -10.84 20.42 -1.39
N GLN A 244 -11.69 21.28 -0.85
CA GLN A 244 -12.92 20.81 -0.22
C GLN A 244 -14.16 21.40 -0.88
N GLN A 245 -14.88 20.55 -1.61
CA GLN A 245 -16.05 20.97 -2.35
C GLN A 245 -15.93 22.40 -2.90
N THR A 246 -14.89 22.62 -3.71
CA THR A 246 -14.68 23.89 -4.43
C THR A 246 -13.92 25.01 -3.68
N THR A 247 -13.36 24.72 -2.51
CA THR A 247 -12.50 25.71 -1.85
C THR A 247 -11.22 25.10 -1.28
N TRP A 248 -10.07 25.59 -1.75
CA TRP A 248 -8.78 25.21 -1.19
C TRP A 248 -8.72 25.62 0.27
N VAL A 249 -8.31 24.71 1.15
CA VAL A 249 -8.49 24.93 2.57
C VAL A 249 -7.27 24.47 3.34
N PRO A 250 -6.63 25.41 4.07
CA PRO A 250 -5.42 25.06 4.83
C PRO A 250 -5.78 24.30 6.09
N SER A 251 -4.87 23.43 6.53
CA SER A 251 -4.99 22.74 7.80
C SER A 251 -4.49 23.69 8.90
N PRO A 252 -5.18 23.67 10.06
CA PRO A 252 -4.84 24.50 11.22
C PRO A 252 -3.35 24.52 11.61
N GLY A 253 -2.75 25.72 11.62
CA GLY A 253 -1.35 25.90 11.97
C GLY A 253 -1.13 26.79 13.20
N CYS A 254 -1.14 28.10 12.99
CA CYS A 254 -1.12 28.68 11.65
C CYS A 254 0.33 28.96 11.30
N GLY A 255 0.77 28.45 10.16
CA GLY A 255 -0.13 27.80 9.22
C GLY A 255 -0.16 28.74 8.03
N SER A 256 0.96 29.44 7.89
CA SER A 256 1.08 30.57 6.99
C SER A 256 1.55 30.18 5.59
N LEU A 257 2.37 29.13 5.50
CA LEU A 257 2.72 28.56 4.20
C LEU A 257 1.46 27.98 3.58
N ALA A 258 0.70 27.25 4.39
CA ALA A 258 -0.61 26.71 4.00
C ALA A 258 -1.59 27.80 3.51
N GLN A 259 -1.85 28.81 4.35
CA GLN A 259 -2.76 29.92 4.00
C GLN A 259 -2.28 30.71 2.78
N SER A 260 -0.99 30.99 2.74
CA SER A 260 -0.36 31.68 1.63
C SER A 260 -0.59 30.95 0.30
N VAL A 261 -0.26 29.65 0.29
CA VAL A 261 -0.35 28.81 -0.92
C VAL A 261 -1.82 28.54 -1.31
N CYS A 262 -2.70 28.45 -0.31
CA CYS A 262 -4.13 28.34 -0.57
C CYS A 262 -4.57 29.64 -1.21
N HIS A 263 -4.00 30.74 -0.73
CA HIS A 263 -4.28 32.06 -1.26
C HIS A 263 -3.88 32.17 -2.73
N LEU A 264 -2.64 31.81 -3.07
CA LEU A 264 -2.19 31.80 -4.48
C LEU A 264 -3.12 30.98 -5.37
N LEU A 265 -3.40 29.77 -4.95
CA LEU A 265 -4.28 28.86 -5.69
C LEU A 265 -5.75 29.32 -5.69
N ASN A 266 -6.16 29.93 -4.60
CA ASN A 266 -7.52 30.47 -4.49
C ASN A 266 -7.62 31.56 -5.56
N HIS A 267 -6.75 32.58 -5.46
CA HIS A 267 -6.98 33.83 -6.17
C HIS A 267 -5.96 34.33 -7.20
N GLN A 268 -4.69 33.95 -7.08
CA GLN A 268 -3.73 34.35 -8.11
C GLN A 268 -4.13 33.63 -9.38
N TYR A 269 -4.16 32.31 -9.33
CA TYR A 269 -4.72 31.52 -10.42
C TYR A 269 -5.81 30.56 -9.99
N GLU A 270 -6.93 30.74 -10.65
CA GLU A 270 -7.99 29.78 -10.70
C GLU A 270 -8.10 29.57 -12.19
N GLY A 271 -8.90 28.61 -12.62
CA GLY A 271 -8.73 28.10 -13.96
C GLY A 271 -7.80 26.90 -13.87
N VAL A 272 -6.86 26.93 -12.93
CA VAL A 272 -6.13 25.72 -12.54
C VAL A 272 -6.99 24.89 -11.59
N THR A 273 -7.69 25.56 -10.68
CA THR A 273 -8.66 24.90 -9.81
C THR A 273 -9.93 24.55 -10.58
N GLU A 274 -10.20 25.27 -11.66
CA GLU A 274 -11.31 24.93 -12.55
C GLU A 274 -10.96 23.63 -13.25
N THR A 275 -9.70 23.56 -13.67
CA THR A 275 -9.10 22.36 -14.23
C THR A 275 -9.14 21.21 -13.22
N VAL A 276 -8.61 21.49 -12.03
CA VAL A 276 -8.55 20.53 -10.95
C VAL A 276 -9.95 20.03 -10.61
N TYR A 277 -10.90 20.95 -10.53
CA TYR A 277 -12.28 20.62 -10.18
C TYR A 277 -12.86 19.67 -11.22
N ASN A 278 -12.54 19.95 -12.48
CA ASN A 278 -13.03 19.17 -13.61
C ASN A 278 -12.38 17.81 -13.57
N LEU A 279 -11.07 17.83 -13.33
CA LEU A 279 -10.25 16.64 -13.26
C LEU A 279 -10.72 15.65 -12.20
N ILE A 280 -10.90 16.13 -10.97
CA ILE A 280 -11.30 15.28 -9.85
C ILE A 280 -12.80 14.95 -9.80
N ARG A 281 -13.68 15.84 -10.27
CA ARG A 281 -15.12 15.55 -10.24
C ARG A 281 -15.55 14.80 -11.49
N SER A 282 -14.88 15.08 -12.59
CA SER A 282 -15.34 14.63 -13.89
C SER A 282 -14.44 13.58 -14.57
N THR A 283 -13.28 14.00 -15.06
CA THR A 283 -12.31 13.06 -15.62
C THR A 283 -12.10 11.82 -14.74
N CYS A 284 -11.77 12.06 -13.48
CA CYS A 284 -11.36 11.01 -12.57
C CYS A 284 -12.35 9.81 -12.49
N PRO A 285 -13.62 10.08 -12.15
CA PRO A 285 -14.61 9.01 -11.96
C PRO A 285 -14.87 8.29 -13.27
N ARG A 286 -14.81 9.03 -14.38
CA ARG A 286 -15.08 8.45 -15.68
C ARG A 286 -13.92 7.50 -16.04
N PHE A 287 -12.71 7.93 -15.72
CA PHE A 287 -11.53 7.10 -15.89
C PHE A 287 -11.65 5.87 -14.99
N LEU A 288 -11.82 6.13 -13.69
CA LEU A 288 -12.03 5.09 -12.69
C LEU A 288 -13.01 3.99 -13.11
N LEU A 289 -14.19 4.38 -13.59
CA LEU A 289 -15.18 3.42 -14.06
C LEU A 289 -14.74 2.72 -15.33
N GLY A 290 -13.96 3.39 -16.16
CA GLY A 290 -13.40 2.74 -17.34
C GLY A 290 -12.43 1.65 -16.90
N LEU A 291 -11.76 1.92 -15.79
CA LEU A 291 -10.74 1.04 -15.28
C LEU A 291 -11.44 -0.21 -14.80
N LEU A 292 -12.55 0.01 -14.11
CA LEU A 292 -13.32 -1.08 -13.54
C LEU A 292 -13.86 -1.96 -14.65
N ASP A 293 -14.35 -1.32 -15.73
CA ASP A 293 -14.92 -2.03 -16.86
C ASP A 293 -13.88 -2.85 -17.62
N ALA A 294 -12.73 -2.25 -17.89
CA ALA A 294 -11.66 -2.92 -18.60
C ALA A 294 -10.98 -4.00 -17.74
N GLY A 295 -10.93 -3.75 -16.42
CA GLY A 295 -10.36 -4.69 -15.47
C GLY A 295 -11.16 -5.95 -15.29
N LYS A 296 -12.49 -5.84 -15.28
CA LYS A 296 -13.34 -7.01 -15.05
C LYS A 296 -13.01 -8.12 -16.04
N MET A 297 -12.82 -7.73 -17.29
CA MET A 297 -12.42 -8.65 -18.36
C MET A 297 -11.26 -9.53 -17.93
N TYR A 298 -10.18 -8.88 -17.52
CA TYR A 298 -8.95 -9.58 -17.20
C TYR A 298 -8.98 -10.25 -15.81
N VAL A 299 -9.19 -9.48 -14.75
CA VAL A 299 -8.95 -10.00 -13.39
C VAL A 299 -9.59 -9.19 -12.26
N HIS A 300 -10.12 -9.86 -11.23
CA HIS A 300 -10.46 -11.27 -11.27
C HIS A 300 -11.79 -11.56 -10.56
N ARG A 301 -12.35 -12.71 -10.88
CA ARG A 301 -13.60 -13.13 -10.29
C ARG A 301 -13.36 -13.29 -8.80
N GLN A 302 -14.40 -13.64 -8.04
CA GLN A 302 -14.19 -14.11 -6.68
C GLN A 302 -13.06 -15.13 -6.75
N VAL A 303 -12.10 -15.04 -5.84
CA VAL A 303 -11.08 -16.07 -5.75
C VAL A 303 -11.07 -16.69 -4.34
N LYS A 304 -11.07 -18.02 -4.27
CA LYS A 304 -10.93 -18.73 -3.00
C LYS A 304 -9.53 -18.56 -2.44
N PRO A 305 -9.46 -18.34 -1.13
CA PRO A 305 -8.20 -18.39 -0.39
C PRO A 305 -7.84 -19.83 -0.13
N GLU A 306 -6.56 -20.09 0.06
CA GLU A 306 -6.15 -21.33 0.68
C GLU A 306 -5.64 -20.90 2.06
N ALA A 307 -5.61 -21.84 3.00
CA ALA A 307 -5.32 -21.51 4.38
C ALA A 307 -4.34 -22.52 4.94
N TRP A 308 -3.62 -22.14 5.99
CA TRP A 308 -2.68 -23.07 6.58
C TRP A 308 -2.33 -22.63 7.97
N LEU A 309 -1.84 -23.56 8.77
CA LEU A 309 -1.42 -23.31 10.14
C LEU A 309 0.09 -23.37 10.22
N SER A 310 0.62 -22.61 11.17
CA SER A 310 2.03 -22.65 11.46
C SER A 310 1.98 -22.15 12.86
N SER A 311 3.00 -22.43 13.66
CA SER A 311 3.16 -21.75 14.93
C SER A 311 3.62 -20.35 14.64
N GLY A 312 3.63 -19.52 15.67
CA GLY A 312 4.25 -18.24 15.59
C GLY A 312 5.31 -18.17 16.67
N PRO A 313 5.88 -16.97 16.87
CA PRO A 313 6.89 -16.79 17.92
C PRO A 313 6.32 -17.24 19.28
N SER A 314 7.05 -18.07 20.02
CA SER A 314 6.72 -18.42 21.40
C SER A 314 6.37 -17.22 22.30
N PRO A 315 5.17 -17.25 22.92
CA PRO A 315 4.76 -16.20 23.83
C PRO A 315 5.46 -16.36 25.19
N GLY A 316 6.06 -17.53 25.43
CA GLY A 316 6.79 -17.77 26.65
C GLY A 316 6.91 -19.26 26.88
N PRO A 317 7.51 -19.67 28.03
CA PRO A 317 7.59 -21.08 28.44
C PRO A 317 6.23 -21.69 28.71
N GLY A 318 5.97 -22.89 28.17
CA GLY A 318 4.72 -23.59 28.38
C GLY A 318 3.56 -22.99 27.59
N ARG A 319 3.87 -22.07 26.67
CA ARG A 319 2.82 -21.41 25.90
C ARG A 319 3.13 -21.51 24.43
N LEU A 320 2.07 -21.56 23.63
CA LEU A 320 2.22 -21.68 22.19
C LEU A 320 1.55 -20.52 21.52
N GLN A 321 2.00 -20.24 20.30
CA GLN A 321 1.28 -19.31 19.45
C GLN A 321 0.80 -19.99 18.20
N LEU A 322 -0.50 -19.95 17.99
CA LEU A 322 -1.12 -20.61 16.87
C LEU A 322 -1.29 -19.55 15.81
N VAL A 323 -0.83 -19.81 14.60
CA VAL A 323 -1.03 -18.87 13.49
C VAL A 323 -1.88 -19.51 12.41
N CYS A 324 -2.83 -18.74 11.92
CA CYS A 324 -3.69 -19.20 10.85
C CYS A 324 -3.58 -18.22 9.69
N HIS A 325 -3.21 -18.74 8.53
CA HIS A 325 -3.00 -17.91 7.37
C HIS A 325 -4.11 -18.13 6.34
N VAL A 326 -4.65 -17.03 5.83
CA VAL A 326 -5.62 -17.06 4.75
C VAL A 326 -5.04 -16.20 3.65
N SER A 327 -4.79 -16.80 2.50
CA SER A 327 -4.08 -16.13 1.43
C SER A 327 -4.78 -16.30 0.07
N GLY A 328 -4.83 -15.21 -0.69
CA GLY A 328 -5.24 -15.29 -2.08
C GLY A 328 -6.72 -15.12 -2.27
N PHE A 329 -7.40 -14.65 -1.23
CA PHE A 329 -8.82 -14.39 -1.39
C PHE A 329 -9.17 -13.01 -1.98
N TYR A 330 -10.16 -13.01 -2.86
CA TYR A 330 -10.68 -11.80 -3.45
C TYR A 330 -12.16 -12.00 -3.79
N PRO A 331 -13.01 -11.05 -3.39
CA PRO A 331 -12.70 -9.76 -2.76
C PRO A 331 -12.28 -9.79 -1.29
N LYS A 332 -12.03 -8.60 -0.77
CA LYS A 332 -11.38 -8.41 0.53
C LYS A 332 -12.15 -8.94 1.74
N PRO A 333 -13.46 -8.65 1.80
CA PRO A 333 -14.26 -9.02 2.98
C PRO A 333 -14.02 -10.46 3.33
N VAL A 334 -13.57 -10.72 4.55
CA VAL A 334 -13.21 -12.06 4.99
C VAL A 334 -13.47 -12.19 6.49
N TRP A 335 -13.85 -13.38 6.97
CA TRP A 335 -13.93 -13.64 8.42
C TRP A 335 -13.01 -14.80 8.88
N VAL A 336 -12.09 -14.51 9.80
CA VAL A 336 -11.18 -15.53 10.33
C VAL A 336 -11.14 -15.49 11.84
N MET A 337 -11.24 -16.65 12.47
CA MET A 337 -11.26 -16.68 13.92
C MET A 337 -10.74 -17.99 14.45
N TRP A 338 -10.22 -17.97 15.67
CA TRP A 338 -9.83 -19.20 16.33
C TRP A 338 -11.00 -19.71 17.14
N MET A 339 -11.14 -21.02 17.19
CA MET A 339 -12.30 -21.62 17.78
C MET A 339 -11.96 -22.75 18.73
N ARG A 340 -12.81 -22.97 19.72
CA ARG A 340 -12.88 -24.32 20.26
C ARG A 340 -14.30 -24.74 19.93
N GLY A 341 -14.45 -25.60 18.91
CA GLY A 341 -15.78 -25.99 18.47
C GLY A 341 -16.50 -24.82 17.82
N GLU A 342 -17.58 -24.36 18.46
CA GLU A 342 -18.34 -23.23 17.93
C GLU A 342 -18.04 -21.93 18.69
N GLN A 343 -17.41 -22.07 19.85
CA GLN A 343 -16.88 -20.94 20.61
C GLN A 343 -15.70 -20.25 19.93
N GLU A 344 -15.92 -19.01 19.54
CA GLU A 344 -14.87 -18.06 19.22
C GLU A 344 -13.95 -17.94 20.45
N GLN A 345 -12.65 -17.90 20.20
CA GLN A 345 -11.67 -17.67 21.24
C GLN A 345 -11.34 -16.18 21.22
N GLN A 346 -11.62 -15.48 22.32
CA GLN A 346 -11.55 -14.02 22.38
C GLN A 346 -10.15 -13.43 22.21
N GLY A 347 -9.13 -14.22 22.55
CA GLY A 347 -7.75 -13.82 22.42
C GLY A 347 -7.31 -13.62 20.98
N THR A 348 -8.08 -14.13 20.03
CA THR A 348 -7.66 -14.08 18.64
C THR A 348 -7.31 -12.67 18.23
N GLN A 349 -6.14 -12.51 17.64
CA GLN A 349 -5.76 -11.22 17.09
C GLN A 349 -5.64 -11.36 15.59
N LEU A 350 -6.36 -10.50 14.88
CA LEU A 350 -6.31 -10.51 13.43
C LEU A 350 -5.29 -9.49 13.00
N GLY A 351 -4.34 -9.91 12.17
CA GLY A 351 -3.35 -8.99 11.68
C GLY A 351 -4.00 -8.08 10.69
N ASP A 352 -3.21 -7.30 9.97
CA ASP A 352 -3.81 -6.53 8.88
C ASP A 352 -3.88 -7.37 7.61
N ILE A 353 -4.86 -7.05 6.79
CA ILE A 353 -5.07 -7.66 5.49
C ILE A 353 -4.07 -7.06 4.51
N LEU A 354 -3.06 -7.84 4.14
CA LEU A 354 -1.96 -7.36 3.30
C LEU A 354 -2.15 -7.80 1.85
N PRO A 355 -1.59 -7.03 0.90
CA PRO A 355 -1.72 -7.37 -0.52
C PRO A 355 -0.75 -8.46 -0.96
N ASN A 356 -1.19 -9.31 -1.89
CA ASN A 356 -0.36 -10.33 -2.51
C ASN A 356 0.21 -9.83 -3.84
N ALA A 357 1.12 -10.61 -4.43
CA ALA A 357 1.76 -10.25 -5.69
C ALA A 357 0.78 -9.87 -6.82
N GLN A 358 -0.11 -10.79 -7.16
CA GLN A 358 -1.05 -10.56 -8.25
C GLN A 358 -2.41 -10.06 -7.78
N GLY A 359 -2.42 -9.18 -6.79
CA GLY A 359 -3.62 -8.46 -6.48
C GLY A 359 -4.60 -9.02 -5.46
N THR A 360 -4.52 -10.31 -5.14
CA THR A 360 -5.37 -10.87 -4.09
C THR A 360 -4.90 -10.47 -2.69
N TRP A 361 -5.55 -11.03 -1.68
CA TRP A 361 -5.30 -10.62 -0.30
C TRP A 361 -4.69 -11.68 0.62
N TYR A 362 -4.10 -11.19 1.70
CA TYR A 362 -3.50 -12.03 2.72
C TYR A 362 -3.94 -11.56 4.09
N LEU A 363 -4.30 -12.49 4.97
CA LEU A 363 -4.56 -12.17 6.36
C LEU A 363 -4.09 -13.32 7.25
N ARG A 364 -3.62 -12.98 8.46
CA ARG A 364 -3.36 -14.00 9.47
C ARG A 364 -3.97 -13.70 10.86
N ALA A 365 -4.58 -14.72 11.46
CA ALA A 365 -5.07 -14.65 12.84
C ALA A 365 -4.20 -15.49 13.78
N THR A 366 -3.84 -14.91 14.93
CA THR A 366 -3.08 -15.62 15.93
C THR A 366 -3.80 -15.75 17.26
N LEU A 367 -3.26 -16.65 18.08
CA LEU A 367 -3.81 -16.99 19.37
C LEU A 367 -2.67 -17.49 20.20
N ASP A 368 -2.58 -16.98 21.41
CA ASP A 368 -1.61 -17.43 22.37
C ASP A 368 -2.34 -18.37 23.33
N VAL A 369 -1.76 -19.54 23.57
CA VAL A 369 -2.38 -20.60 24.36
C VAL A 369 -1.37 -21.45 25.15
N ALA A 370 -1.81 -21.95 26.31
CA ALA A 370 -1.01 -22.81 27.16
C ALA A 370 -0.65 -24.05 26.40
N ASP A 371 0.48 -24.66 26.74
CA ASP A 371 0.95 -25.88 26.10
C ASP A 371 -0.18 -26.87 25.87
N GLY A 372 -0.76 -27.32 26.98
CA GLY A 372 -1.70 -28.43 26.99
C GLY A 372 -3.13 -28.16 26.56
N GLU A 373 -3.47 -26.90 26.27
CA GLU A 373 -4.84 -26.55 25.86
C GLU A 373 -4.89 -26.32 24.36
N ALA A 374 -3.76 -26.52 23.70
CA ALA A 374 -3.66 -26.30 22.27
C ALA A 374 -4.52 -27.26 21.43
N ALA A 375 -4.47 -28.55 21.77
CA ALA A 375 -5.28 -29.55 21.07
C ALA A 375 -6.76 -29.23 20.98
N GLY A 376 -7.30 -29.26 19.76
CA GLY A 376 -8.73 -29.16 19.55
C GLY A 376 -9.17 -27.79 19.07
N LEU A 377 -8.25 -26.84 19.15
CA LEU A 377 -8.50 -25.52 18.64
C LEU A 377 -8.45 -25.57 17.12
N SER A 378 -9.33 -24.82 16.47
CA SER A 378 -9.33 -24.78 15.03
C SER A 378 -9.50 -23.37 14.49
N CYS A 379 -9.06 -23.17 13.27
CA CYS A 379 -9.20 -21.92 12.60
C CYS A 379 -10.36 -21.95 11.60
N ARG A 380 -11.36 -21.07 11.77
CA ARG A 380 -12.44 -20.90 10.79
C ARG A 380 -12.35 -19.66 9.93
N VAL A 381 -12.53 -19.90 8.64
CA VAL A 381 -12.33 -18.92 7.58
C VAL A 381 -13.63 -18.74 6.81
N LYS A 382 -14.16 -17.53 6.78
CA LYS A 382 -15.37 -17.23 5.98
C LYS A 382 -15.11 -16.29 4.81
N HIS A 383 -15.58 -16.72 3.65
CA HIS A 383 -15.42 -15.91 2.45
C HIS A 383 -16.52 -16.21 1.44
N SER A 384 -17.00 -15.14 0.78
CA SER A 384 -17.94 -15.20 -0.33
C SER A 384 -17.68 -16.37 -1.28
N SER A 385 -16.41 -16.59 -1.63
CA SER A 385 -16.11 -17.57 -2.65
C SER A 385 -16.43 -19.00 -2.19
N LEU A 386 -16.59 -19.20 -0.88
CA LEU A 386 -16.71 -20.56 -0.35
C LEU A 386 -18.08 -21.23 -0.48
N GLU A 387 -19.10 -20.48 -0.93
CA GLU A 387 -20.45 -21.07 -1.13
C GLU A 387 -20.98 -21.57 0.19
N GLY A 388 -20.62 -20.85 1.24
CA GLY A 388 -21.07 -21.18 2.57
C GLY A 388 -20.36 -22.39 3.17
N GLN A 389 -19.52 -23.06 2.38
CA GLN A 389 -18.72 -24.17 2.93
C GLN A 389 -17.37 -23.69 3.45
N ASP A 390 -17.30 -23.43 4.75
CA ASP A 390 -16.11 -22.87 5.39
C ASP A 390 -14.87 -23.75 5.30
N ILE A 391 -13.73 -23.09 5.48
CA ILE A 391 -12.47 -23.78 5.67
C ILE A 391 -12.24 -23.98 7.16
N ILE A 392 -12.08 -25.23 7.57
CA ILE A 392 -11.74 -25.56 8.94
C ILE A 392 -10.32 -26.12 8.98
N LEU A 393 -9.50 -25.65 9.91
CA LEU A 393 -8.16 -26.20 10.10
C LEU A 393 -7.93 -26.50 11.56
N TYR A 394 -7.42 -27.69 11.84
CA TYR A 394 -7.18 -28.08 13.22
C TYR A 394 -5.72 -28.09 13.60
N TRP A 395 -5.44 -27.38 14.67
CA TRP A 395 -4.18 -27.51 15.37
C TRP A 395 -3.93 -28.94 15.81
N HIS A 396 -2.80 -29.50 15.41
CA HIS A 396 -2.33 -30.74 16.01
C HIS A 396 -0.86 -30.63 16.46
N HIS A 397 -0.46 -31.49 17.40
CA HIS A 397 0.92 -31.48 17.86
C HIS A 397 1.81 -32.38 17.01
C1 NAG B . 22.37 20.09 -3.36
C2 NAG B . 23.49 21.06 -3.16
C3 NAG B . 24.69 20.59 -4.01
C4 NAG B . 25.11 19.18 -3.57
C5 NAG B . 23.84 18.29 -3.46
C6 NAG B . 24.07 16.86 -2.94
C7 NAG B . 22.83 23.22 -4.37
C8 NAG B . 22.27 24.58 -4.04
N2 NAG B . 22.99 22.44 -3.29
O3 NAG B . 25.80 21.47 -3.93
O4 NAG B . 26.05 18.66 -4.50
O5 NAG B . 22.78 18.90 -2.72
O6 NAG B . 24.66 16.79 -1.65
O7 NAG B . 23.11 22.94 -5.53
C1 D12 C . 3.73 22.54 -1.84
C2 D12 C . 2.43 23.25 -2.18
C3 D12 C . 1.66 22.51 -3.28
C4 D12 C . 0.22 23.01 -3.38
C5 D12 C . -0.64 22.20 -4.37
C6 D12 C . -0.76 22.90 -5.73
C7 D12 C . -1.56 22.08 -6.75
C8 D12 C . -1.80 22.83 -8.07
C9 D12 C . -0.48 23.31 -8.66
C10 D12 C . -0.64 24.14 -9.94
C11 D12 C . 0.58 25.05 -10.14
C12 D12 C . 1.65 24.31 -10.92
C1 MK0 D . 0.40 25.42 -16.34
O1 MK0 D . -0.92 25.51 -15.81
C2 MK0 D . 0.79 26.66 -17.17
O2 MK0 D . -0.37 27.26 -17.72
C3 MK0 D . 1.60 27.74 -16.42
O3 MK0 D . 0.92 28.98 -16.49
C4 MK0 D . 1.97 27.48 -14.94
O4 MK0 D . 3.34 27.79 -14.76
C5 MK0 D . 1.67 26.08 -14.37
O5 MK0 D . 1.35 25.10 -15.34
C6 MK0 D . 0.56 26.14 -13.31
O6 MK0 D . 0.12 24.83 -13.00
CAA MK0 D . 6.66 13.67 -10.67
CAB MK0 D . 1.29 8.15 -13.47
CAC MK0 D . -2.42 19.29 -14.19
CAD MK0 D . -5.43 8.65 -16.35
CAE MK0 D . -2.33 15.20 -10.17
CAF MK0 D . -7.47 11.49 -11.44
OAG MK0 D . -2.22 23.91 -17.48
OAL MK0 D . -3.39 25.16 -15.58
CAM MK0 D . 5.20 13.41 -10.35
CAN MK0 D . 4.39 12.85 -11.51
CAO MK0 D . 3.05 12.35 -11.08
CAP MK0 D . 2.08 11.95 -12.17
CAQ MK0 D . 1.61 10.49 -12.07
CAR MK0 D . -3.08 21.97 -13.29
CAS MK0 D . -2.50 8.26 -14.14
CAT MK0 D . -2.64 17.91 -11.52
CAU MK0 D . -6.81 10.47 -14.39
CAV MK0 D . -5.12 13.77 -11.57
CAX MK0 D . -3.13 22.79 -14.58
CAY MK0 D . 0.24 10.23 -12.68
CAZ MK0 D . -4.14 20.89 -13.34
CBA MK0 D . -0.99 8.57 -14.25
CBB MK0 D . -3.00 19.35 -11.82
CBC MK0 D . -3.31 8.91 -15.27
CBD MK0 D . -3.69 17.21 -10.69
CBE MK0 D . -5.32 10.43 -14.69
CBF MK0 D . -4.91 14.99 -10.68
CBG MK0 D . -7.20 11.85 -13.88
CBH MK0 D . -6.54 13.62 -12.09
OBI MK0 D . -1.90 23.16 -15.19
CBL MK0 D . 0.00 8.80 -13.10
CBM MK0 D . -3.55 19.51 -13.22
CBN MK0 D . -4.80 9.04 -15.05
CBO MK0 D . -3.57 15.72 -10.92
CBP MK0 D . -6.64 12.17 -12.50
PBV MK0 D . -2.17 24.45 -16.08
#